data_2B9C
#
_entry.id   2B9C
#
_cell.length_a   80.515
_cell.length_b   80.515
_cell.length_c   112.453
_cell.angle_alpha   90.00
_cell.angle_beta   90.00
_cell.angle_gamma   120.00
#
_symmetry.space_group_name_H-M   'P 65'
#
loop_
_entity.id
_entity.type
_entity.pdbx_description
1 polymer 'striated-muscle alpha tropomyosin'
2 water water
#
_entity_poly.entity_id   1
_entity_poly.type   'polypeptide(L)'
_entity_poly.pdbx_seq_one_letter_code
;MNRRIQLVEEELDRAQERLATALQKLEEAEKAADESERGMKVIESRAQKDEEKMEIQEIQLKEAKHIAEDADRKYEEVAR
KLVIIESDLERAEERAELSEGKCAELEEELKTVTNNLKSLEDKVEELLSKNYHLENEVARLKKLVGE
;
_entity_poly.pdbx_strand_id   A,B
#
# COMPACT_ATOMS: atom_id res chain seq x y z
N GLU A 11 19.30 -44.64 -84.62
CA GLU A 11 18.72 -45.16 -85.92
C GLU A 11 17.87 -46.35 -85.56
N LEU A 12 17.34 -46.30 -84.34
CA LEU A 12 16.41 -47.36 -83.90
C LEU A 12 15.33 -46.55 -83.16
N ASP A 13 15.48 -45.23 -83.27
CA ASP A 13 14.57 -44.33 -82.55
C ASP A 13 14.77 -44.75 -81.06
N ARG A 14 16.06 -44.92 -80.62
CA ARG A 14 16.48 -45.40 -79.27
C ARG A 14 15.26 -45.93 -78.50
N ALA A 15 14.73 -47.03 -79.04
CA ALA A 15 13.55 -47.78 -78.59
C ALA A 15 12.59 -47.00 -77.74
N GLN A 16 12.33 -45.74 -78.12
CA GLN A 16 11.45 -44.75 -77.42
C GLN A 16 10.97 -45.18 -76.05
N GLU A 17 11.91 -45.65 -75.22
CA GLU A 17 11.60 -46.07 -73.85
C GLU A 17 12.19 -44.83 -73.14
N ARG A 18 12.97 -44.00 -73.89
CA ARG A 18 13.56 -42.76 -73.34
C ARG A 18 12.38 -41.71 -72.91
N LEU A 19 11.19 -42.29 -72.95
CA LEU A 19 9.93 -41.71 -72.56
C LEU A 19 9.96 -41.94 -71.05
N ALA A 20 10.31 -43.18 -70.64
CA ALA A 20 10.43 -43.49 -69.20
C ALA A 20 11.47 -42.51 -68.45
N THR A 21 12.43 -41.90 -69.17
CA THR A 21 13.35 -40.98 -68.50
C THR A 21 12.46 -39.81 -68.04
N ALA A 22 11.50 -39.46 -68.85
CA ALA A 22 10.66 -38.32 -68.49
C ALA A 22 9.26 -38.73 -68.11
N LEU A 23 9.06 -40.02 -67.86
CA LEU A 23 7.71 -40.42 -67.58
C LEU A 23 7.72 -41.02 -66.22
N GLN A 24 8.90 -41.53 -65.90
CA GLN A 24 8.99 -42.13 -64.56
C GLN A 24 9.16 -40.86 -63.70
N LYS A 25 9.91 -39.86 -64.18
CA LYS A 25 10.00 -38.70 -63.36
C LYS A 25 8.74 -37.83 -63.38
N LEU A 26 7.68 -38.42 -63.93
CA LEU A 26 6.36 -37.76 -64.10
C LEU A 26 5.44 -38.31 -63.03
N GLU A 27 5.54 -39.61 -62.82
CA GLU A 27 4.79 -40.21 -61.78
C GLU A 27 5.43 -39.82 -60.41
N GLU A 28 6.76 -39.72 -60.37
CA GLU A 28 7.50 -39.37 -59.17
C GLU A 28 7.11 -37.89 -58.79
N ALA A 29 7.44 -36.96 -59.70
CA ALA A 29 7.15 -35.56 -59.55
C ALA A 29 5.68 -35.35 -59.38
N GLU A 30 4.81 -36.36 -59.57
CA GLU A 30 3.38 -36.13 -59.37
C GLU A 30 2.92 -36.46 -57.96
N LYS A 31 3.40 -37.57 -57.35
CA LYS A 31 3.10 -37.94 -55.97
C LYS A 31 3.90 -37.03 -55.01
N ALA A 32 5.11 -36.59 -55.42
CA ALA A 32 5.89 -35.69 -54.59
C ALA A 32 4.97 -34.49 -54.44
N ALA A 33 4.61 -33.90 -55.53
CA ALA A 33 3.75 -32.78 -55.37
C ALA A 33 2.59 -33.05 -54.39
N ASP A 34 1.90 -34.13 -54.48
CA ASP A 34 0.79 -34.34 -53.52
C ASP A 34 1.33 -34.62 -52.07
N GLU A 35 2.65 -34.65 -51.97
N GLU A 35 2.65 -34.66 -51.99
CA GLU A 35 3.19 -34.85 -50.66
CA GLU A 35 3.29 -34.87 -50.71
C GLU A 35 3.30 -33.44 -50.08
C GLU A 35 3.37 -33.47 -50.09
N SER A 36 3.80 -32.50 -50.90
CA SER A 36 3.92 -31.13 -50.46
C SER A 36 2.51 -30.58 -50.20
N GLU A 37 1.50 -31.24 -50.66
CA GLU A 37 0.21 -30.73 -50.37
C GLU A 37 -0.07 -31.06 -48.93
N ARG A 38 0.52 -32.16 -48.44
N ARG A 38 0.51 -32.16 -48.47
CA ARG A 38 0.30 -32.56 -47.10
CA ARG A 38 0.38 -32.63 -47.11
C ARG A 38 1.13 -31.57 -46.21
C ARG A 38 1.14 -31.64 -46.20
N GLY A 39 2.47 -31.57 -46.38
CA GLY A 39 3.34 -30.72 -45.64
C GLY A 39 2.96 -29.31 -45.62
N MET A 40 1.97 -29.00 -46.44
CA MET A 40 1.38 -27.65 -46.67
C MET A 40 0.35 -27.46 -45.68
N LYS A 41 -0.56 -28.42 -45.62
CA LYS A 41 -1.61 -28.41 -44.62
C LYS A 41 -0.97 -28.45 -43.11
N VAL A 42 -0.04 -29.37 -42.81
CA VAL A 42 0.51 -29.52 -41.49
C VAL A 42 1.10 -28.26 -40.98
N ILE A 43 1.78 -27.60 -41.84
CA ILE A 43 2.32 -26.33 -41.54
C ILE A 43 1.24 -25.28 -41.37
N GLU A 44 0.07 -25.43 -41.96
CA GLU A 44 -0.99 -24.45 -41.88
C GLU A 44 -1.57 -24.46 -40.52
N SER A 45 -1.98 -25.67 -40.11
CA SER A 45 -2.46 -25.92 -38.77
C SER A 45 -1.47 -25.41 -37.68
N ARG A 46 -0.18 -25.83 -37.71
CA ARG A 46 0.87 -25.41 -36.77
C ARG A 46 1.08 -23.95 -36.83
N ALA A 47 0.50 -23.30 -37.82
CA ALA A 47 0.66 -21.86 -38.02
C ALA A 47 -0.54 -21.19 -37.35
N GLN A 48 -1.71 -21.83 -37.39
N GLN A 48 -1.74 -21.80 -37.41
CA GLN A 48 -2.87 -21.30 -36.74
CA GLN A 48 -2.91 -21.22 -36.73
C GLN A 48 -2.65 -21.49 -35.23
C GLN A 48 -2.90 -21.59 -35.24
N LYS A 49 -2.26 -22.68 -34.85
CA LYS A 49 -2.13 -23.02 -33.44
C LYS A 49 -1.24 -21.90 -32.83
N ASP A 50 -0.09 -21.77 -33.40
CA ASP A 50 0.86 -20.81 -33.06
C ASP A 50 0.41 -19.37 -33.05
N GLU A 51 -0.62 -19.05 -33.80
N GLU A 51 -0.63 -19.08 -33.80
CA GLU A 51 -1.08 -17.70 -33.88
CA GLU A 51 -1.13 -17.74 -33.90
C GLU A 51 -1.95 -17.51 -32.62
C GLU A 51 -1.97 -17.50 -32.64
N GLU A 52 -2.58 -18.58 -32.16
CA GLU A 52 -3.43 -18.46 -31.01
C GLU A 52 -2.61 -18.27 -29.68
N LYS A 53 -1.64 -19.09 -29.44
CA LYS A 53 -0.89 -18.96 -28.27
C LYS A 53 -0.15 -17.64 -28.30
N MET A 54 0.12 -17.07 -29.42
CA MET A 54 0.78 -15.80 -29.39
C MET A 54 -0.17 -14.72 -28.99
N GLU A 55 -1.43 -15.03 -29.10
CA GLU A 55 -2.45 -14.11 -28.73
C GLU A 55 -2.65 -14.19 -27.22
N ILE A 56 -2.90 -15.41 -26.73
CA ILE A 56 -3.00 -15.75 -25.30
C ILE A 56 -1.61 -15.15 -24.57
N GLN A 57 -0.44 -15.24 -25.23
CA GLN A 57 0.69 -14.67 -24.71
C GLN A 57 0.52 -13.07 -24.69
N GLU A 58 -0.30 -12.45 -25.52
CA GLU A 58 -0.33 -11.05 -25.39
C GLU A 58 -1.24 -10.66 -24.24
N ILE A 59 -2.31 -11.44 -24.07
CA ILE A 59 -3.26 -11.17 -23.00
C ILE A 59 -2.61 -11.25 -21.62
N GLN A 60 -1.75 -12.26 -21.41
CA GLN A 60 -1.02 -12.62 -20.25
C GLN A 60 0.22 -11.65 -19.95
N LEU A 61 0.86 -11.15 -21.03
CA LEU A 61 1.90 -10.20 -20.98
C LEU A 61 1.16 -8.91 -20.54
N LYS A 62 -0.07 -8.61 -21.04
CA LYS A 62 -0.58 -7.34 -20.57
C LYS A 62 -1.03 -7.39 -19.11
N GLU A 63 -1.64 -8.53 -18.76
CA GLU A 63 -2.15 -8.72 -17.47
C GLU A 63 -0.93 -8.50 -16.62
N ALA A 64 0.18 -9.12 -16.95
CA ALA A 64 1.33 -8.91 -16.09
C ALA A 64 1.80 -7.49 -15.92
N LYS A 65 1.54 -6.66 -16.95
CA LYS A 65 1.87 -5.21 -16.94
C LYS A 65 0.77 -4.49 -16.10
N HIS A 66 -0.51 -4.79 -16.30
N HIS A 66 -0.50 -4.80 -16.32
CA HIS A 66 -1.53 -4.20 -15.43
CA HIS A 66 -1.56 -4.24 -15.49
C HIS A 66 -1.26 -4.50 -13.91
C HIS A 66 -1.27 -4.50 -13.94
N ILE A 67 -1.29 -5.81 -13.53
CA ILE A 67 -1.03 -6.22 -12.20
C ILE A 67 0.08 -5.43 -11.53
N ALA A 68 1.22 -5.21 -12.24
CA ALA A 68 2.31 -4.48 -11.79
C ALA A 68 2.00 -3.04 -11.78
N GLU A 69 1.19 -2.56 -12.69
CA GLU A 69 0.95 -1.10 -12.62
C GLU A 69 0.02 -0.81 -11.56
N ASP A 70 -0.79 -1.74 -11.29
CA ASP A 70 -1.75 -1.61 -10.17
C ASP A 70 -0.97 -1.54 -8.76
N ALA A 71 -0.06 -2.44 -8.54
CA ALA A 71 0.68 -2.53 -7.41
C ALA A 71 1.50 -1.27 -7.28
N ASP A 72 2.17 -0.74 -8.28
CA ASP A 72 2.87 0.49 -8.15
C ASP A 72 2.00 1.75 -7.79
N ARG A 73 0.75 1.76 -8.17
N ARG A 73 0.75 1.76 -8.19
CA ARG A 73 -0.08 2.86 -7.86
CA ARG A 73 -0.10 2.87 -7.87
C ARG A 73 -0.42 2.73 -6.39
C ARG A 73 -0.44 2.73 -6.39
N LYS A 74 -0.96 1.58 -5.99
CA LYS A 74 -1.33 1.29 -4.67
C LYS A 74 -0.12 1.47 -3.75
N TYR A 75 1.08 1.11 -4.13
CA TYR A 75 2.11 1.34 -3.24
C TYR A 75 2.23 2.94 -3.08
N GLU A 76 2.12 3.75 -4.13
CA GLU A 76 2.25 5.16 -3.91
C GLU A 76 1.11 5.65 -3.03
N GLU A 77 -0.11 5.15 -3.11
CA GLU A 77 -1.12 5.67 -2.38
C GLU A 77 -0.76 5.35 -1.04
N VAL A 78 -0.46 4.07 -0.68
CA VAL A 78 0.05 3.83 0.63
C VAL A 78 1.25 4.61 1.15
N ALA A 79 2.43 4.55 0.56
CA ALA A 79 3.37 5.38 0.94
C ALA A 79 3.04 6.85 1.34
N ARG A 80 1.99 7.48 0.82
N ARG A 80 2.00 7.48 0.82
CA ARG A 80 1.59 8.85 1.12
CA ARG A 80 1.62 8.84 1.14
C ARG A 80 0.78 8.81 2.34
C ARG A 80 0.81 8.79 2.35
N LYS A 81 0.00 7.80 2.50
CA LYS A 81 -0.70 7.69 3.77
C LYS A 81 0.33 7.48 4.86
N LEU A 82 1.43 6.78 4.66
CA LEU A 82 2.34 6.78 5.74
C LEU A 82 2.83 7.95 6.24
N VAL A 83 3.38 8.79 5.29
CA VAL A 83 3.75 10.10 5.64
C VAL A 83 2.75 10.82 6.57
N ILE A 84 1.48 10.92 6.37
CA ILE A 84 0.43 11.47 7.05
C ILE A 84 0.27 10.74 8.33
N ILE A 85 0.04 9.35 8.41
CA ILE A 85 -0.07 8.83 9.76
C ILE A 85 1.09 9.04 10.49
N GLU A 86 2.17 8.94 9.91
CA GLU A 86 3.32 9.34 10.75
C GLU A 86 3.44 10.74 11.31
N SER A 87 3.04 11.88 10.53
CA SER A 87 3.19 13.07 11.13
C SER A 87 2.06 13.05 12.09
N ASP A 88 0.92 12.54 11.74
CA ASP A 88 0.02 12.59 12.84
C ASP A 88 0.52 11.84 14.05
N LEU A 89 1.24 10.76 13.96
CA LEU A 89 1.65 10.18 15.25
C LEU A 89 2.56 11.21 15.90
N GLU A 90 3.46 11.86 15.22
CA GLU A 90 4.32 12.71 16.02
C GLU A 90 3.49 13.83 16.67
N ARG A 91 2.46 14.37 16.06
CA ARG A 91 1.59 15.30 16.68
C ARG A 91 0.85 14.71 17.94
N ALA A 92 0.35 13.51 17.86
CA ALA A 92 -0.14 12.87 19.05
C ALA A 92 0.81 12.67 20.05
N GLU A 93 2.06 12.52 19.82
CA GLU A 93 3.00 12.41 20.90
C GLU A 93 3.39 13.74 21.59
N GLU A 94 3.66 14.70 20.77
CA GLU A 94 3.91 15.90 21.28
C GLU A 94 2.62 16.32 22.04
N ARG A 95 1.41 16.10 21.67
CA ARG A 95 0.42 16.56 22.52
C ARG A 95 0.44 15.73 23.85
N ALA A 96 0.73 14.44 23.78
CA ALA A 96 0.70 13.59 25.00
C ALA A 96 1.81 14.07 25.80
N GLU A 97 2.90 14.55 25.16
CA GLU A 97 3.98 14.97 26.06
C GLU A 97 3.73 16.31 26.75
N LEU A 98 3.31 17.41 26.08
CA LEU A 98 2.96 18.69 26.62
C LEU A 98 1.90 18.31 27.72
N SER A 99 0.85 17.60 27.45
CA SER A 99 0.01 17.38 28.48
C SER A 99 0.59 16.59 29.61
N GLU A 100 1.80 16.10 29.51
CA GLU A 100 2.08 15.30 30.59
C GLU A 100 2.72 16.08 31.54
N GLY A 101 3.47 16.97 31.00
CA GLY A 101 4.16 18.03 31.75
C GLY A 101 3.12 19.01 32.32
N LYS A 102 2.09 19.34 31.63
CA LYS A 102 1.12 20.16 32.25
C LYS A 102 0.70 19.37 33.51
N CYS A 103 0.16 18.15 33.40
CA CYS A 103 -0.20 17.43 34.51
C CYS A 103 0.76 17.47 35.67
N ALA A 104 2.00 17.64 35.37
CA ALA A 104 2.90 17.57 36.41
C ALA A 104 2.95 18.91 37.09
N GLU A 105 3.03 20.00 36.33
CA GLU A 105 2.99 21.36 36.97
C GLU A 105 1.84 21.50 37.96
N LEU A 106 0.67 21.08 37.54
CA LEU A 106 -0.52 21.04 38.34
C LEU A 106 -0.31 20.21 39.62
N GLU A 107 0.57 19.22 39.69
CA GLU A 107 0.73 18.45 40.89
C GLU A 107 1.52 19.27 41.85
N GLU A 108 2.49 19.89 41.33
CA GLU A 108 3.30 20.59 42.18
C GLU A 108 2.37 21.69 42.69
N GLU A 109 1.75 22.46 41.82
CA GLU A 109 0.93 23.51 42.27
C GLU A 109 -0.27 23.11 43.21
N LEU A 110 -0.67 21.87 43.23
CA LEU A 110 -1.80 21.44 44.06
C LEU A 110 -1.21 21.13 45.43
N LYS A 111 0.07 20.90 45.43
CA LYS A 111 0.72 20.64 46.68
C LYS A 111 1.19 21.91 47.25
N THR A 112 1.63 22.87 46.47
CA THR A 112 2.13 24.10 46.98
C THR A 112 1.02 24.90 47.67
N VAL A 113 -0.18 24.71 47.15
CA VAL A 113 -1.48 25.26 47.56
C VAL A 113 -1.98 24.52 48.77
N THR A 114 -1.89 23.21 48.83
CA THR A 114 -2.35 22.52 50.05
C THR A 114 -1.48 22.81 51.36
N ASN A 115 -0.19 22.97 51.15
CA ASN A 115 0.73 23.30 52.22
C ASN A 115 0.41 24.71 52.72
N ASN A 116 0.02 25.58 51.83
CA ASN A 116 -0.27 26.88 52.32
C ASN A 116 -1.72 26.74 52.88
N LEU A 117 -2.58 25.98 52.24
CA LEU A 117 -3.88 25.97 52.79
C LEU A 117 -3.87 25.42 54.20
N LYS A 118 -2.84 24.72 54.64
CA LYS A 118 -2.90 24.13 55.98
C LYS A 118 -2.24 25.07 56.94
N SER A 119 -1.02 25.43 56.70
CA SER A 119 -0.40 26.36 57.64
C SER A 119 -1.34 27.61 57.94
N LEU A 120 -2.23 27.93 57.00
CA LEU A 120 -3.15 29.03 57.11
C LEU A 120 -4.36 28.49 57.87
N GLU A 121 -4.55 27.16 57.94
CA GLU A 121 -5.71 26.56 58.75
C GLU A 121 -5.43 26.64 60.29
N ASP A 122 -4.15 26.70 60.58
CA ASP A 122 -3.64 26.80 61.86
C ASP A 122 -3.67 28.23 62.17
N LYS A 123 -2.94 29.02 61.44
CA LYS A 123 -2.94 30.43 61.66
C LYS A 123 -4.42 30.93 61.76
N VAL A 124 -5.47 30.11 61.80
CA VAL A 124 -6.86 30.55 61.96
C VAL A 124 -7.46 30.11 63.34
N GLU A 125 -6.97 28.98 63.81
CA GLU A 125 -7.36 28.38 65.04
C GLU A 125 -6.53 29.17 65.97
N GLU A 126 -5.37 29.61 65.63
CA GLU A 126 -4.54 30.42 66.52
C GLU A 126 -5.29 31.80 66.77
N LEU A 127 -5.75 32.41 65.71
CA LEU A 127 -6.43 33.62 65.92
C LEU A 127 -7.60 33.28 66.82
N LEU A 128 -8.17 32.06 66.72
CA LEU A 128 -9.46 31.80 67.41
C LEU A 128 -9.40 31.57 68.81
N SER A 129 -8.16 31.40 69.30
CA SER A 129 -7.80 31.22 70.73
C SER A 129 -7.57 32.67 71.32
N LYS A 130 -6.76 33.45 70.53
CA LYS A 130 -6.51 34.79 70.90
C LYS A 130 -7.86 35.40 71.12
N ASN A 131 -8.74 35.21 70.14
CA ASN A 131 -10.11 35.73 70.04
C ASN A 131 -11.03 35.20 71.04
N TYR A 132 -10.78 33.96 71.41
CA TYR A 132 -11.54 33.28 72.49
C TYR A 132 -11.33 33.87 73.87
N HIS A 133 -10.10 34.27 74.18
N HIS A 133 -10.08 34.24 74.19
CA HIS A 133 -9.75 34.86 75.46
CA HIS A 133 -9.71 34.85 75.48
C HIS A 133 -10.02 36.34 75.64
C HIS A 133 -10.14 36.31 75.61
N LEU A 134 -9.98 37.07 74.53
CA LEU A 134 -10.30 38.47 74.50
C LEU A 134 -11.80 38.52 74.75
N GLU A 135 -12.55 37.56 74.21
CA GLU A 135 -14.05 37.53 74.32
C GLU A 135 -14.42 37.10 75.83
N ASN A 136 -13.77 36.05 76.32
CA ASN A 136 -13.99 35.59 77.61
C ASN A 136 -13.41 36.62 78.47
N GLU A 137 -13.05 37.75 77.96
CA GLU A 137 -12.60 38.68 78.94
C GLU A 137 -13.40 39.97 78.79
N VAL A 138 -14.06 40.16 77.64
CA VAL A 138 -14.88 41.35 77.41
C VAL A 138 -16.07 41.24 78.36
N ALA A 139 -16.62 40.05 78.48
CA ALA A 139 -17.71 39.85 79.41
C ALA A 139 -17.17 39.89 80.81
N ARG A 140 -15.85 39.66 81.03
CA ARG A 140 -15.16 39.61 82.36
C ARG A 140 -14.95 40.98 82.94
N LEU A 141 -14.98 42.00 82.09
CA LEU A 141 -14.75 43.37 82.50
C LEU A 141 -16.08 44.07 82.46
N LYS A 142 -17.10 43.35 82.09
CA LYS A 142 -18.42 43.92 82.13
C LYS A 142 -18.85 43.84 83.64
N LYS A 143 -18.24 42.93 84.45
CA LYS A 143 -18.44 42.79 85.91
C LYS A 143 -18.63 44.22 86.44
N LEU A 144 -19.94 44.62 86.52
CA LEU A 144 -20.46 45.97 86.84
C LEU A 144 -21.59 46.41 85.75
N VAL A 145 -22.84 46.51 86.22
CA VAL A 145 -24.02 46.99 85.44
C VAL A 145 -24.77 47.85 86.53
N GLY A 146 -24.59 49.19 86.63
CA GLY A 146 -25.29 49.91 87.70
C GLY A 146 -25.39 49.26 89.12
N GLN B 6 9.83 -51.47 -93.41
CA GLN B 6 10.57 -50.14 -93.19
C GLN B 6 10.42 -49.44 -91.79
N LEU B 7 9.34 -49.82 -91.06
CA LEU B 7 8.95 -49.35 -89.73
C LEU B 7 9.75 -48.38 -88.90
N VAL B 8 11.09 -48.60 -88.80
CA VAL B 8 12.15 -47.82 -88.05
C VAL B 8 12.11 -46.25 -88.33
N GLU B 9 10.96 -45.80 -88.88
CA GLU B 9 10.68 -44.36 -89.04
C GLU B 9 9.14 -44.08 -89.03
N GLU B 10 8.40 -45.07 -89.58
CA GLU B 10 6.94 -45.03 -89.67
C GLU B 10 6.37 -44.89 -88.31
N GLU B 11 7.07 -45.43 -87.32
CA GLU B 11 6.66 -45.25 -85.95
C GLU B 11 7.80 -44.74 -85.05
N LEU B 12 8.65 -43.88 -85.65
CA LEU B 12 9.63 -43.19 -84.86
C LEU B 12 8.83 -41.88 -84.67
N ASP B 13 7.78 -41.71 -85.53
CA ASP B 13 6.89 -40.51 -85.50
C ASP B 13 5.99 -40.62 -84.24
N ARG B 14 5.56 -41.87 -83.99
CA ARG B 14 4.77 -42.23 -82.89
C ARG B 14 5.55 -42.29 -81.60
N ALA B 15 6.88 -42.22 -81.68
CA ALA B 15 7.76 -42.24 -80.52
C ALA B 15 8.03 -40.88 -80.13
N GLN B 16 8.49 -40.11 -81.08
CA GLN B 16 8.71 -38.70 -80.75
C GLN B 16 7.33 -38.00 -80.36
N GLU B 17 6.20 -38.44 -80.92
CA GLU B 17 4.93 -37.84 -80.56
C GLU B 17 4.52 -38.27 -79.17
N ARG B 18 4.98 -39.43 -78.70
CA ARG B 18 4.65 -39.96 -77.49
C ARG B 18 5.51 -39.21 -76.52
N LEU B 19 6.70 -38.89 -76.90
CA LEU B 19 7.53 -38.26 -76.00
C LEU B 19 6.94 -36.80 -75.85
N ALA B 20 6.44 -36.30 -76.99
CA ALA B 20 5.89 -34.96 -76.94
C ALA B 20 4.82 -34.80 -75.83
N THR B 21 3.70 -35.52 -75.91
CA THR B 21 2.61 -35.53 -75.03
C THR B 21 3.09 -35.72 -73.61
N ALA B 22 3.87 -36.78 -73.30
CA ALA B 22 4.40 -37.05 -71.94
C ALA B 22 5.21 -35.88 -71.50
N LEU B 23 6.11 -35.40 -72.36
CA LEU B 23 7.01 -34.35 -71.89
C LEU B 23 6.35 -33.14 -71.43
N GLN B 24 5.40 -32.66 -72.18
CA GLN B 24 4.97 -31.46 -71.62
C GLN B 24 3.94 -31.68 -70.56
N LYS B 25 3.88 -32.92 -70.04
CA LYS B 25 2.96 -33.27 -68.91
C LYS B 25 3.88 -32.98 -67.77
N LEU B 26 5.10 -33.52 -67.92
CA LEU B 26 6.19 -33.35 -67.01
C LEU B 26 6.45 -31.89 -66.81
N GLU B 27 6.47 -31.15 -67.89
CA GLU B 27 6.71 -29.70 -67.87
C GLU B 27 5.74 -29.14 -66.90
N GLU B 28 4.47 -29.27 -67.22
CA GLU B 28 3.52 -28.80 -66.31
C GLU B 28 3.85 -29.19 -64.82
N ALA B 29 4.03 -30.48 -64.54
CA ALA B 29 4.32 -30.97 -63.18
C ALA B 29 5.49 -30.30 -62.56
N GLU B 30 6.69 -30.23 -63.18
CA GLU B 30 7.77 -29.51 -62.51
C GLU B 30 7.33 -28.06 -62.27
N LYS B 31 6.82 -27.37 -63.28
CA LYS B 31 6.27 -26.04 -63.00
C LYS B 31 5.54 -26.11 -61.61
N ALA B 32 4.68 -27.11 -61.38
CA ALA B 32 4.02 -27.12 -60.04
C ALA B 32 5.02 -27.34 -58.86
N ALA B 33 5.97 -28.21 -59.08
CA ALA B 33 6.99 -28.56 -58.10
C ALA B 33 7.78 -27.39 -57.65
N ASP B 34 8.55 -26.84 -58.56
CA ASP B 34 9.38 -25.72 -58.32
C ASP B 34 8.63 -24.64 -57.56
N GLU B 35 7.38 -24.36 -57.98
CA GLU B 35 6.49 -23.38 -57.33
C GLU B 35 5.98 -23.79 -55.93
N SER B 36 5.40 -24.98 -55.86
CA SER B 36 4.92 -25.35 -54.59
C SER B 36 5.99 -25.31 -53.54
N GLU B 37 7.18 -25.76 -53.84
CA GLU B 37 8.16 -25.81 -52.80
C GLU B 37 8.94 -24.56 -52.52
N ARG B 38 8.84 -23.58 -53.41
CA ARG B 38 9.50 -22.28 -53.17
C ARG B 38 8.56 -21.37 -52.39
N GLY B 39 7.23 -21.60 -52.58
CA GLY B 39 6.12 -20.92 -51.90
C GLY B 39 6.00 -21.47 -50.49
N MET B 40 6.24 -22.74 -50.37
CA MET B 40 6.12 -23.31 -49.09
C MET B 40 7.23 -22.84 -48.26
N LYS B 41 8.42 -22.89 -48.81
CA LYS B 41 9.63 -22.37 -48.18
C LYS B 41 9.37 -20.91 -47.50
N VAL B 42 8.40 -20.11 -48.02
CA VAL B 42 8.18 -18.78 -47.48
C VAL B 42 7.27 -19.01 -46.31
N ILE B 43 6.23 -19.80 -46.51
CA ILE B 43 5.34 -20.10 -45.40
C ILE B 43 6.14 -20.85 -44.34
N GLU B 44 7.26 -21.47 -44.69
CA GLU B 44 7.84 -22.25 -43.62
C GLU B 44 8.93 -21.46 -42.90
N SER B 45 9.39 -20.43 -43.52
CA SER B 45 10.28 -19.49 -42.87
C SER B 45 9.35 -18.51 -41.87
N ARG B 46 8.05 -18.29 -42.21
CA ARG B 46 7.14 -17.52 -41.40
C ARG B 46 6.98 -18.23 -40.09
N ALA B 47 7.10 -19.56 -40.08
CA ALA B 47 6.99 -20.40 -38.90
C ALA B 47 8.26 -20.31 -38.08
N GLN B 48 9.39 -20.21 -38.77
N GLN B 48 9.38 -20.21 -38.77
CA GLN B 48 10.64 -20.15 -38.06
CA GLN B 48 10.65 -20.15 -38.07
C GLN B 48 10.88 -18.75 -37.42
C GLN B 48 10.92 -18.75 -37.50
N LYS B 49 10.06 -17.79 -37.82
CA LYS B 49 10.18 -16.40 -37.32
C LYS B 49 9.21 -16.30 -36.22
N ASP B 50 8.05 -16.95 -36.43
CA ASP B 50 7.07 -16.89 -35.42
C ASP B 50 7.40 -17.76 -34.25
N GLU B 51 8.25 -18.77 -34.40
N GLU B 51 8.28 -18.71 -34.45
CA GLU B 51 8.63 -19.61 -33.28
CA GLU B 51 8.72 -19.63 -33.42
C GLU B 51 9.64 -18.84 -32.40
C GLU B 51 9.65 -18.88 -32.45
N GLU B 52 10.55 -18.09 -33.00
CA GLU B 52 11.46 -17.37 -32.19
C GLU B 52 10.70 -16.19 -31.51
N LYS B 53 9.67 -15.58 -32.19
CA LYS B 53 8.91 -14.44 -31.68
C LYS B 53 8.26 -14.87 -30.39
N MET B 54 7.78 -16.11 -30.33
CA MET B 54 7.12 -16.66 -29.22
C MET B 54 8.16 -16.99 -28.25
N GLU B 55 9.36 -17.30 -28.70
CA GLU B 55 10.33 -17.68 -27.70
C GLU B 55 10.80 -16.55 -26.80
N ILE B 56 10.88 -15.37 -27.40
CA ILE B 56 11.25 -14.09 -26.74
C ILE B 56 10.02 -13.86 -25.93
N GLN B 57 8.90 -13.47 -26.58
CA GLN B 57 7.68 -13.26 -25.85
C GLN B 57 7.44 -14.25 -24.73
N GLU B 58 8.13 -15.36 -24.58
CA GLU B 58 7.82 -16.11 -23.43
C GLU B 58 8.90 -15.79 -22.41
N ILE B 59 10.01 -15.17 -22.84
CA ILE B 59 11.00 -14.79 -21.81
C ILE B 59 10.86 -13.27 -21.76
N GLN B 60 9.66 -12.91 -21.59
CA GLN B 60 9.33 -11.58 -21.55
C GLN B 60 8.21 -11.70 -20.54
N LEU B 61 7.30 -12.60 -20.80
CA LEU B 61 6.10 -12.72 -20.03
C LEU B 61 6.57 -13.32 -18.74
N LYS B 62 7.72 -13.96 -18.83
CA LYS B 62 8.27 -14.59 -17.74
C LYS B 62 8.86 -13.48 -16.84
N GLU B 63 9.48 -12.45 -17.40
CA GLU B 63 10.03 -11.37 -16.63
C GLU B 63 8.88 -10.41 -15.99
N ALA B 64 7.85 -10.04 -16.78
CA ALA B 64 6.77 -9.38 -16.42
C ALA B 64 6.09 -10.11 -15.25
N LYS B 65 6.21 -11.43 -15.04
CA LYS B 65 5.43 -11.96 -14.00
C LYS B 65 6.22 -11.78 -12.68
N HIS B 66 7.55 -11.88 -12.74
CA HIS B 66 8.42 -11.68 -11.70
C HIS B 66 8.33 -10.25 -11.29
N ILE B 67 8.47 -9.33 -12.27
CA ILE B 67 8.38 -7.92 -12.02
C ILE B 67 7.08 -7.60 -11.33
N ALA B 68 5.97 -8.23 -11.59
CA ALA B 68 4.78 -7.97 -10.95
C ALA B 68 4.65 -8.75 -9.67
N GLU B 69 5.49 -9.63 -9.28
CA GLU B 69 5.22 -10.36 -8.11
C GLU B 69 6.10 -9.59 -7.10
N ASP B 70 7.14 -9.00 -7.60
CA ASP B 70 7.91 -8.15 -6.83
C ASP B 70 7.17 -6.87 -6.56
N ALA B 71 6.35 -6.44 -7.39
CA ALA B 71 5.69 -5.24 -7.10
C ALA B 71 4.49 -5.48 -6.21
N ASP B 72 4.21 -6.68 -6.07
CA ASP B 72 3.05 -6.81 -5.18
C ASP B 72 3.52 -7.02 -3.80
N ARG B 73 4.68 -7.64 -3.63
CA ARG B 73 5.29 -7.88 -2.35
C ARG B 73 5.71 -6.46 -1.80
N LYS B 74 6.28 -5.60 -2.63
CA LYS B 74 6.58 -4.24 -2.24
C LYS B 74 5.30 -3.58 -1.66
N TYR B 75 4.24 -3.55 -2.31
CA TYR B 75 3.02 -3.17 -1.77
C TYR B 75 2.60 -4.02 -0.57
N GLU B 76 2.99 -5.31 -0.39
CA GLU B 76 2.22 -5.82 0.76
C GLU B 76 2.93 -5.37 1.96
N GLU B 77 4.24 -5.12 1.87
N GLU B 77 4.23 -5.13 1.81
CA GLU B 77 5.06 -4.66 2.96
CA GLU B 77 5.05 -4.68 2.87
C GLU B 77 4.85 -3.19 3.37
C GLU B 77 4.81 -3.22 3.35
N VAL B 78 4.46 -2.34 2.47
CA VAL B 78 4.35 -0.86 2.91
C VAL B 78 2.98 -0.87 3.38
N ALA B 79 2.31 -1.87 2.98
CA ALA B 79 0.95 -1.66 3.54
C ALA B 79 0.67 -2.34 5.01
N ARG B 80 1.43 -3.20 5.38
CA ARG B 80 1.49 -3.92 6.70
C ARG B 80 2.14 -2.79 7.37
N LYS B 81 3.16 -2.26 6.83
CA LYS B 81 3.67 -1.02 7.63
C LYS B 81 2.79 0.17 7.96
N LEU B 82 1.68 0.22 7.31
CA LEU B 82 0.76 1.32 7.56
C LEU B 82 -0.28 0.75 8.53
N VAL B 83 -0.46 -0.58 8.59
CA VAL B 83 -1.32 -1.11 9.74
C VAL B 83 -0.64 -0.84 11.05
N ILE B 84 0.63 -0.96 11.17
CA ILE B 84 1.41 -0.70 12.40
C ILE B 84 1.55 0.71 12.78
N ILE B 85 1.95 1.68 11.85
CA ILE B 85 1.86 3.01 12.26
C ILE B 85 0.51 3.44 12.64
N GLU B 86 -0.47 2.95 12.01
CA GLU B 86 -1.69 3.30 12.52
C GLU B 86 -2.11 2.83 13.80
N SER B 87 -1.71 1.56 14.12
CA SER B 87 -2.15 1.10 15.40
C SER B 87 -1.25 1.91 16.30
N ASP B 88 0.01 2.10 16.05
CA ASP B 88 0.74 3.03 17.04
C ASP B 88 0.21 4.40 17.06
N LEU B 89 -0.26 4.94 15.95
CA LEU B 89 -0.90 6.27 16.32
C LEU B 89 -2.17 6.15 17.24
N GLU B 90 -3.01 5.21 16.96
CA GLU B 90 -4.23 5.10 17.87
C GLU B 90 -3.70 4.81 19.25
N ARG B 91 -2.55 4.09 19.49
CA ARG B 91 -2.14 4.27 20.84
C ARG B 91 -1.70 5.66 21.46
N ALA B 92 -0.96 6.54 20.67
CA ALA B 92 -0.55 7.70 21.11
C ALA B 92 -1.79 8.47 21.34
N GLU B 93 -2.74 8.48 20.52
CA GLU B 93 -3.90 9.21 20.76
C GLU B 93 -4.53 8.88 22.09
N GLU B 94 -4.44 7.61 22.50
CA GLU B 94 -5.17 7.24 23.72
C GLU B 94 -4.37 7.64 24.85
N ARG B 95 -3.10 7.55 24.74
CA ARG B 95 -2.27 8.09 25.82
C ARG B 95 -2.36 9.67 25.97
N ALA B 96 -2.59 10.46 24.87
CA ALA B 96 -2.76 11.87 25.03
C ALA B 96 -4.17 11.99 25.61
N GLU B 97 -5.19 11.43 25.08
CA GLU B 97 -6.52 11.59 25.81
C GLU B 97 -6.51 11.21 27.24
N LEU B 98 -5.72 10.26 27.61
CA LEU B 98 -5.80 9.82 28.96
C LEU B 98 -5.28 10.99 29.81
N SER B 99 -4.01 11.21 29.58
CA SER B 99 -3.20 12.20 30.21
C SER B 99 -3.76 13.53 30.13
N GLU B 100 -4.73 13.75 29.33
CA GLU B 100 -5.43 15.05 29.30
C GLU B 100 -6.90 14.97 29.91
N GLY B 101 -7.36 13.80 30.15
CA GLY B 101 -8.58 13.82 30.98
C GLY B 101 -8.14 13.90 32.53
N LYS B 102 -6.87 13.52 32.85
CA LYS B 102 -6.28 13.68 34.10
C LYS B 102 -6.07 15.11 34.56
N CYS B 103 -5.65 15.92 33.60
CA CYS B 103 -5.30 17.33 33.81
C CYS B 103 -6.55 18.00 34.22
N ALA B 104 -7.59 17.75 33.45
CA ALA B 104 -8.92 18.22 33.56
C ALA B 104 -9.68 17.93 34.88
N GLU B 105 -9.23 16.87 35.55
CA GLU B 105 -9.75 16.42 36.83
C GLU B 105 -8.79 17.10 37.79
N LEU B 106 -7.51 17.13 37.41
CA LEU B 106 -6.56 17.77 38.30
C LEU B 106 -6.80 19.24 38.34
N GLU B 107 -7.38 19.86 37.37
CA GLU B 107 -7.56 21.29 37.40
C GLU B 107 -8.92 21.68 38.04
N GLU B 108 -9.81 20.74 38.24
CA GLU B 108 -11.07 20.92 38.87
C GLU B 108 -10.78 20.58 40.28
N GLU B 109 -9.69 19.90 40.58
CA GLU B 109 -9.30 19.59 41.95
C GLU B 109 -8.68 20.82 42.49
N LEU B 110 -7.67 21.35 41.81
CA LEU B 110 -6.94 22.58 42.25
C LEU B 110 -7.90 23.80 42.35
N LYS B 111 -9.04 23.70 41.69
CA LYS B 111 -10.01 24.75 41.67
C LYS B 111 -10.78 24.71 42.93
N THR B 112 -11.33 23.56 43.31
CA THR B 112 -12.00 23.53 44.58
C THR B 112 -10.96 23.89 45.76
N VAL B 113 -9.75 23.38 45.74
CA VAL B 113 -8.82 23.68 46.82
C VAL B 113 -8.42 25.14 46.83
N THR B 114 -8.44 25.80 45.69
CA THR B 114 -7.96 27.16 45.73
C THR B 114 -9.15 27.99 46.28
N ASN B 115 -10.38 27.48 46.20
CA ASN B 115 -11.51 28.20 46.68
C ASN B 115 -11.54 28.05 48.18
N ASN B 116 -10.92 26.99 48.65
CA ASN B 116 -10.92 26.83 50.00
C ASN B 116 -9.93 27.66 50.63
N LEU B 117 -8.92 28.03 49.88
CA LEU B 117 -7.76 28.75 50.42
C LEU B 117 -7.98 30.18 50.49
N LYS B 118 -8.77 30.66 49.52
CA LYS B 118 -9.12 32.04 49.40
C LYS B 118 -10.17 32.25 50.43
N SER B 119 -11.10 31.27 50.57
CA SER B 119 -12.15 31.28 51.60
C SER B 119 -11.57 31.24 53.06
N LEU B 120 -10.58 30.42 53.28
CA LEU B 120 -9.93 30.44 54.53
C LEU B 120 -9.04 31.74 54.58
N GLU B 121 -8.91 32.53 53.54
CA GLU B 121 -8.02 33.72 53.62
C GLU B 121 -8.90 34.89 54.14
N ASP B 122 -10.16 34.80 53.89
CA ASP B 122 -11.06 35.79 54.36
C ASP B 122 -11.24 35.60 55.86
N LYS B 123 -11.60 34.38 56.23
CA LYS B 123 -11.72 33.98 57.61
C LYS B 123 -10.64 34.60 58.49
N VAL B 124 -9.37 34.60 58.09
CA VAL B 124 -8.22 35.26 58.82
C VAL B 124 -8.33 36.76 58.73
N GLU B 125 -8.98 37.19 57.67
CA GLU B 125 -9.18 38.62 57.58
C GLU B 125 -10.41 39.04 58.48
N GLU B 126 -11.36 38.15 58.75
CA GLU B 126 -12.50 38.54 59.55
C GLU B 126 -12.07 38.54 60.94
N LEU B 127 -11.48 37.47 61.37
CA LEU B 127 -11.02 37.40 62.68
C LEU B 127 -10.00 38.40 63.00
N LEU B 128 -9.30 38.93 62.02
CA LEU B 128 -8.26 39.89 62.35
C LEU B 128 -9.00 41.21 62.69
N SER B 129 -10.16 41.41 62.07
CA SER B 129 -11.11 42.55 62.35
C SER B 129 -11.75 42.37 63.63
N LYS B 130 -12.27 41.21 63.93
CA LYS B 130 -12.74 40.93 65.26
C LYS B 130 -11.76 41.09 66.41
N ASN B 131 -10.54 40.60 66.28
CA ASN B 131 -9.73 40.73 67.32
C ASN B 131 -9.24 42.14 67.66
N TYR B 132 -9.05 42.93 66.66
CA TYR B 132 -8.52 44.23 66.84
C TYR B 132 -9.70 44.99 67.57
N HIS B 133 -10.94 44.85 67.10
CA HIS B 133 -11.92 45.49 67.84
C HIS B 133 -12.05 44.98 69.27
N LEU B 134 -12.02 43.62 69.49
CA LEU B 134 -12.11 43.15 70.82
C LEU B 134 -10.86 43.66 71.62
N GLU B 135 -9.68 43.76 71.07
CA GLU B 135 -8.53 44.22 71.88
C GLU B 135 -8.67 45.65 72.27
N ASN B 136 -9.42 46.43 71.46
CA ASN B 136 -9.67 47.83 71.78
C ASN B 136 -10.71 47.83 72.87
N GLU B 137 -11.77 47.06 72.73
CA GLU B 137 -12.72 47.22 73.79
C GLU B 137 -12.56 46.31 74.92
N VAL B 138 -11.39 46.36 75.49
CA VAL B 138 -10.97 45.49 76.56
C VAL B 138 -9.90 46.42 77.11
N ALA B 139 -9.12 47.10 76.25
CA ALA B 139 -8.23 48.07 76.76
C ALA B 139 -9.18 49.19 77.27
N ARG B 140 -10.36 49.38 76.64
CA ARG B 140 -11.28 50.40 77.08
C ARG B 140 -11.84 49.95 78.46
N LEU B 141 -12.58 48.83 78.45
CA LEU B 141 -13.22 48.30 79.69
C LEU B 141 -12.18 47.97 80.74
N LYS B 142 -10.88 48.16 80.45
CA LYS B 142 -9.81 47.81 81.40
C LYS B 142 -9.17 49.08 81.88
N LYS B 143 -9.43 50.18 81.19
CA LYS B 143 -8.86 51.47 81.58
C LYS B 143 -9.91 52.22 82.46
N LEU B 144 -11.17 51.88 82.18
CA LEU B 144 -12.30 52.38 82.94
C LEU B 144 -12.29 51.70 84.32
N VAL B 145 -11.34 50.81 84.59
CA VAL B 145 -11.38 50.10 85.88
C VAL B 145 -9.99 49.63 86.43
N GLY B 146 -9.94 48.33 86.84
CA GLY B 146 -8.71 47.74 87.34
C GLY B 146 -7.44 48.35 86.75
N GLU B 147 -6.68 47.59 85.94
CA GLU B 147 -5.50 48.18 85.28
C GLU B 147 -5.69 47.93 83.85
#